data_9DON
#
_entry.id   9DON
#
_cell.length_a   49.194
_cell.length_b   74.397
_cell.length_c   52.454
_cell.angle_alpha   90.00
_cell.angle_beta   97.38
_cell.angle_gamma   90.00
#
_symmetry.space_group_name_H-M   'P 1 21 1'
#
loop_
_entity.id
_entity.type
_entity.pdbx_description
1 polymer 'Eukaryotic translation initiation factor 4E'
2 non-polymer "7N-METHYL-8-HYDROGUANOSINE-5'-DIPHOSPHATE"
3 non-polymer '2-[3-[[2-azanyl-7-[(5-chloranyl-1-benzofuran-2-yl)methyl]-6-oxidanylidene-1~{H}-purin-9-yl]methyl]phenyl]ethylphosphonic acid'
4 water water
#
_entity_poly.entity_id   1
_entity_poly.type   'polypeptide(L)'
_entity_poly.pdbx_seq_one_letter_code
;MVANPEHYIKHPLQNRWALWFFKNDKSKTWQANLRLISKFDTVEDFWALYNHIQLSSNLMPGCDYSLFKDGIEPMWEDEK
NKRGGRWLITLNKQQRRSDLDRFWLETLLCLIGESFDDYSDDVCGAVVNVRAKGDKIAIWTTECENREAVTHIGRVYKER
LGLPPKIVIGYQSHADTATKSGSTTKNRFVV
;
_entity_poly.pdbx_strand_id   A,B
#
loop_
_chem_comp.id
_chem_comp.type
_chem_comp.name
_chem_comp.formula
A1A8P non-polymer '2-[3-[[2-azanyl-7-[(5-chloranyl-1-benzofuran-2-yl)methyl]-6-oxidanylidene-1~{H}-purin-9-yl]methyl]phenyl]ethylphosphonic acid' 'C23 H22 Cl N5 O5 P 1'
M7G non-polymer 7N-METHYL-8-HYDROGUANOSINE-5'-DIPHOSPHATE 'C11 H18 N5 O11 P2 1'
#
# COMPACT_ATOMS: atom_id res chain seq x y z
N MET A 1 18.31 12.19 -26.97
CA MET A 1 19.66 12.61 -26.68
C MET A 1 19.71 13.64 -25.56
N VAL A 2 18.71 14.53 -25.47
CA VAL A 2 18.70 15.56 -24.43
C VAL A 2 18.02 15.02 -23.18
N ALA A 3 16.87 14.39 -23.36
CA ALA A 3 16.08 13.87 -22.27
C ALA A 3 16.54 12.49 -21.80
N ASN A 4 17.66 12.43 -21.07
CA ASN A 4 18.16 11.16 -20.54
C ASN A 4 17.27 10.77 -19.41
N PRO A 5 16.87 9.50 -19.36
CA PRO A 5 16.00 9.06 -18.26
C PRO A 5 16.75 9.14 -16.93
N GLU A 6 16.20 9.89 -16.00
CA GLU A 6 16.79 10.03 -14.68
C GLU A 6 16.16 9.06 -13.68
N HIS A 7 16.95 8.63 -12.71
CA HIS A 7 16.52 7.73 -11.65
C HIS A 7 17.28 8.08 -10.37
N TYR A 8 16.72 7.72 -9.21
CA TYR A 8 17.30 8.09 -7.93
C TYR A 8 17.53 6.86 -7.06
N ILE A 9 18.67 6.80 -6.37
CA ILE A 9 19.05 5.67 -5.51
C ILE A 9 18.15 5.60 -4.25
N LYS A 10 17.71 6.76 -3.75
CA LYS A 10 16.85 6.88 -2.59
C LYS A 10 15.79 7.95 -2.82
N HIS A 11 14.60 7.73 -2.26
CA HIS A 11 13.49 8.66 -2.40
C HIS A 11 13.09 9.05 -1.00
N PRO A 12 13.56 10.23 -0.55
CA PRO A 12 13.21 10.65 0.83
C PRO A 12 11.73 10.90 1.08
N LEU A 13 11.31 10.67 2.32
CA LEU A 13 9.97 10.97 2.82
C LEU A 13 10.02 12.41 3.37
N GLN A 14 8.87 13.08 3.48
CA GLN A 14 8.85 14.44 4.02
C GLN A 14 9.24 14.49 5.51
N ASN A 15 9.03 13.39 6.25
CA ASN A 15 9.36 13.31 7.67
C ASN A 15 10.13 12.03 7.96
N ARG A 16 10.85 12.02 9.08
CA ARG A 16 11.52 10.81 9.55
C ARG A 16 10.55 10.14 10.53
N TRP A 17 10.43 8.81 10.46
CA TRP A 17 9.48 8.07 11.27
C TRP A 17 10.17 7.00 12.06
N ALA A 18 9.55 6.58 13.16
CA ALA A 18 10.09 5.51 13.96
C ALA A 18 9.01 4.49 14.23
N LEU A 19 9.38 3.22 14.13
CA LEU A 19 8.46 2.13 14.44
C LEU A 19 8.71 1.71 15.87
N TRP A 20 7.67 1.62 16.66
CA TRP A 20 7.75 1.20 18.04
C TRP A 20 6.97 -0.09 18.20
N PHE A 21 7.35 -0.85 19.22
CA PHE A 21 6.70 -2.09 19.55
C PHE A 21 6.44 -2.15 21.03
N PHE A 22 5.29 -2.67 21.38
CA PHE A 22 4.91 -2.86 22.75
C PHE A 22 4.62 -4.33 22.93
N LYS A 23 5.21 -4.92 23.94
CA LYS A 23 4.98 -6.30 24.32
C LYS A 23 4.54 -6.27 25.76
N ASN A 24 3.55 -7.09 26.14
CA ASN A 24 3.15 -7.15 27.54
C ASN A 24 4.10 -8.03 28.38
N ASP A 25 5.35 -7.61 28.53
CA ASP A 25 6.29 -8.32 29.39
C ASP A 25 5.93 -7.92 30.82
N LYS A 26 5.32 -8.86 31.58
CA LYS A 26 4.82 -8.64 32.94
C LYS A 26 5.91 -8.33 33.98
N SER A 27 7.20 -8.49 33.64
CA SER A 27 8.27 -8.12 34.58
C SER A 27 8.61 -6.60 34.48
N LYS A 28 8.09 -5.90 33.45
CA LYS A 28 8.33 -4.48 33.27
C LYS A 28 7.03 -3.66 33.35
N THR A 29 7.16 -2.38 33.66
CA THR A 29 6.03 -1.46 33.70
C THR A 29 5.62 -1.10 32.25
N TRP A 30 4.45 -0.45 32.06
CA TRP A 30 3.96 -0.05 30.75
C TRP A 30 4.99 0.70 29.92
N GLN A 31 5.59 1.77 30.49
CA GLN A 31 6.56 2.56 29.75
C GLN A 31 7.83 1.81 29.39
N ALA A 32 8.31 0.91 30.27
CA ALA A 32 9.51 0.14 29.96
C ALA A 32 9.27 -0.87 28.81
N ASN A 33 8.00 -1.31 28.62
CA ASN A 33 7.55 -2.24 27.59
C ASN A 33 7.36 -1.60 26.21
N LEU A 34 7.40 -0.26 26.12
CA LEU A 34 7.21 0.48 24.86
C LEU A 34 8.58 0.78 24.28
N ARG A 35 9.03 0.03 23.24
CA ARG A 35 10.39 0.16 22.72
C ARG A 35 10.55 0.52 21.22
N LEU A 36 11.61 1.27 20.92
CA LEU A 36 11.95 1.73 19.59
C LEU A 36 12.61 0.63 18.77
N ILE A 37 11.99 0.24 17.65
CA ILE A 37 12.54 -0.81 16.79
C ILE A 37 13.54 -0.22 15.79
N SER A 38 13.12 0.80 15.03
CA SER A 38 14.00 1.42 14.05
C SER A 38 13.40 2.69 13.47
N LYS A 39 14.24 3.50 12.82
CA LYS A 39 13.82 4.73 12.19
C LYS A 39 14.10 4.63 10.68
N PHE A 40 13.36 5.39 9.90
CA PHE A 40 13.53 5.43 8.47
C PHE A 40 13.07 6.79 7.95
N ASP A 41 13.67 7.25 6.85
CA ASP A 41 13.27 8.50 6.25
C ASP A 41 13.22 8.43 4.71
N THR A 42 13.21 7.20 4.13
CA THR A 42 13.07 6.98 2.68
C THR A 42 12.02 5.89 2.37
N VAL A 43 11.49 5.90 1.14
CA VAL A 43 10.54 4.90 0.64
C VAL A 43 11.20 3.50 0.68
N GLU A 44 12.45 3.39 0.19
CA GLU A 44 13.21 2.14 0.16
C GLU A 44 13.35 1.53 1.57
N ASP A 45 13.66 2.36 2.58
CA ASP A 45 13.83 1.86 3.94
C ASP A 45 12.49 1.50 4.62
N PHE A 46 11.40 2.16 4.24
CA PHE A 46 10.06 1.83 4.77
C PHE A 46 9.69 0.44 4.27
N TRP A 47 9.88 0.17 2.98
CA TRP A 47 9.54 -1.13 2.42
C TRP A 47 10.47 -2.20 2.93
N ALA A 48 11.76 -1.90 3.15
CA ALA A 48 12.70 -2.91 3.68
C ALA A 48 12.30 -3.32 5.11
N LEU A 49 11.75 -2.40 5.90
CA LEU A 49 11.28 -2.73 7.24
C LEU A 49 9.94 -3.48 7.17
N TYR A 50 8.95 -2.93 6.43
CA TYR A 50 7.64 -3.56 6.31
C TYR A 50 7.68 -5.00 5.79
N ASN A 51 8.45 -5.27 4.73
CA ASN A 51 8.52 -6.61 4.16
C ASN A 51 9.24 -7.62 5.08
N HIS A 52 10.03 -7.15 6.05
CA HIS A 52 10.81 -8.05 6.88
C HIS A 52 10.35 -8.08 8.35
N ILE A 53 9.19 -7.48 8.69
CA ILE A 53 8.65 -7.57 10.04
C ILE A 53 7.37 -8.41 10.07
N GLN A 54 7.07 -8.99 11.22
CA GLN A 54 5.88 -9.79 11.48
C GLN A 54 4.62 -8.95 11.22
N LEU A 55 3.60 -9.53 10.57
CA LEU A 55 2.32 -8.85 10.36
C LEU A 55 1.62 -8.64 11.70
N SER A 56 0.76 -7.62 11.77
CA SER A 56 -0.05 -7.31 12.96
C SER A 56 -0.99 -8.46 13.28
N SER A 57 -1.55 -9.12 12.25
CA SER A 57 -2.44 -10.27 12.46
C SER A 57 -1.71 -11.52 12.98
N ASN A 58 -0.36 -11.51 13.00
CA ASN A 58 0.43 -12.62 13.52
C ASN A 58 1.09 -12.30 14.89
N LEU A 59 0.80 -11.13 15.48
CA LEU A 59 1.31 -10.75 16.79
C LEU A 59 0.53 -11.44 17.89
N MET A 60 1.15 -11.68 19.03
CA MET A 60 0.46 -12.30 20.16
C MET A 60 -0.52 -11.29 20.75
N PRO A 61 -1.63 -11.74 21.37
CA PRO A 61 -2.54 -10.77 22.00
C PRO A 61 -1.82 -9.93 23.05
N GLY A 62 -2.19 -8.66 23.14
CA GLY A 62 -1.54 -7.76 24.09
C GLY A 62 -0.38 -6.97 23.50
N CYS A 63 -0.02 -7.24 22.24
CA CYS A 63 1.07 -6.51 21.56
C CYS A 63 0.54 -5.30 20.76
N ASP A 64 1.44 -4.33 20.51
CA ASP A 64 1.12 -3.18 19.70
C ASP A 64 2.29 -2.83 18.81
N TYR A 65 2.00 -2.20 17.66
CA TYR A 65 2.99 -1.52 16.83
C TYR A 65 2.53 -0.05 16.80
N SER A 66 3.45 0.87 16.61
CA SER A 66 3.15 2.29 16.51
C SER A 66 4.14 2.87 15.54
N LEU A 67 3.71 3.79 14.69
CA LEU A 67 4.63 4.50 13.81
C LEU A 67 4.44 5.97 14.20
N PHE A 68 5.46 6.65 14.76
CA PHE A 68 5.31 8.06 15.14
C PHE A 68 6.43 8.86 14.49
N LYS A 69 6.23 10.18 14.29
CA LYS A 69 7.31 11.02 13.76
C LYS A 69 8.47 11.01 14.73
N ASP A 70 9.69 11.14 14.19
CA ASP A 70 10.91 11.15 14.97
C ASP A 70 10.86 12.22 16.07
N GLY A 71 11.16 11.85 17.31
CA GLY A 71 11.11 12.78 18.42
C GLY A 71 9.80 12.73 19.20
N ILE A 72 8.81 11.96 18.72
CA ILE A 72 7.54 11.80 19.42
C ILE A 72 7.41 10.36 19.90
N GLU A 73 7.38 10.16 21.22
CA GLU A 73 7.17 8.83 21.77
C GLU A 73 5.67 8.53 21.71
N PRO A 74 5.29 7.26 21.44
CA PRO A 74 3.87 6.90 21.34
C PRO A 74 3.15 6.75 22.67
N MET A 75 3.13 7.81 23.45
CA MET A 75 2.47 7.84 24.74
C MET A 75 1.88 9.21 25.02
N TRP A 76 0.81 9.24 25.81
CA TRP A 76 0.08 10.46 26.19
C TRP A 76 1.00 11.49 26.85
N GLU A 77 2.02 11.01 27.59
CA GLU A 77 3.00 11.80 28.35
C GLU A 77 3.87 12.68 27.48
N ASP A 78 4.09 12.29 26.22
CA ASP A 78 4.92 13.11 25.30
C ASP A 78 4.25 14.47 25.10
N GLU A 79 5.06 15.54 25.09
CA GLU A 79 4.60 16.92 24.91
C GLU A 79 3.74 17.09 23.64
N LYS A 80 4.07 16.37 22.56
CA LYS A 80 3.30 16.50 21.31
C LYS A 80 1.97 15.71 21.30
N ASN A 81 1.70 14.92 22.36
CA ASN A 81 0.48 14.12 22.51
C ASN A 81 -0.39 14.55 23.69
N LYS A 82 0.21 15.16 24.72
CA LYS A 82 -0.46 15.57 25.96
C LYS A 82 -1.82 16.27 25.75
N ARG A 83 -1.89 17.27 24.87
CA ARG A 83 -3.14 17.99 24.58
C ARG A 83 -3.90 17.41 23.35
N GLY A 84 -3.47 16.24 22.87
CA GLY A 84 -4.06 15.61 21.69
C GLY A 84 -5.08 14.54 21.96
N GLY A 85 -5.28 13.72 20.95
CA GLY A 85 -6.25 12.63 21.02
C GLY A 85 -6.08 11.69 19.83
N ARG A 86 -7.05 10.82 19.64
CA ARG A 86 -6.96 9.82 18.57
C ARG A 86 -8.29 9.50 17.92
N TRP A 87 -8.23 9.19 16.63
CA TRP A 87 -9.39 8.69 15.92
C TRP A 87 -9.28 7.21 16.06
N LEU A 88 -10.28 6.55 16.66
CA LEU A 88 -10.20 5.12 16.92
C LEU A 88 -11.12 4.27 16.04
N ILE A 89 -10.54 3.20 15.47
CA ILE A 89 -11.24 2.23 14.64
C ILE A 89 -11.23 0.91 15.37
N THR A 90 -12.42 0.32 15.59
CA THR A 90 -12.60 -0.94 16.31
C THR A 90 -12.94 -2.07 15.34
N LEU A 91 -12.25 -3.21 15.49
CA LEU A 91 -12.46 -4.37 14.63
C LEU A 91 -12.96 -5.55 15.48
N ASN A 92 -13.85 -6.37 14.93
CA ASN A 92 -14.31 -7.56 15.65
C ASN A 92 -13.40 -8.76 15.32
N LYS A 93 -13.56 -9.88 16.06
CA LYS A 93 -12.75 -11.09 15.88
C LYS A 93 -12.67 -11.54 14.42
N GLN A 94 -13.79 -11.46 13.69
CA GLN A 94 -13.88 -11.83 12.28
C GLN A 94 -12.99 -10.98 11.38
N GLN A 95 -12.74 -9.72 11.77
CA GLN A 95 -11.95 -8.81 10.95
C GLN A 95 -10.44 -8.97 11.04
N ARG A 96 -9.93 -9.85 11.91
CA ARG A 96 -8.48 -10.02 12.03
C ARG A 96 -7.83 -10.53 10.73
N ARG A 97 -8.39 -11.59 10.15
CA ARG A 97 -7.85 -12.14 8.91
C ARG A 97 -8.25 -11.33 7.69
N SER A 98 -9.45 -10.73 7.71
CA SER A 98 -9.96 -10.00 6.56
C SER A 98 -9.60 -8.52 6.45
N ASP A 99 -9.35 -7.81 7.57
CA ASP A 99 -9.15 -6.37 7.50
C ASP A 99 -7.88 -5.81 8.18
N LEU A 100 -7.49 -6.30 9.37
CA LEU A 100 -6.36 -5.79 10.18
C LEU A 100 -5.08 -5.43 9.40
N ASP A 101 -4.52 -6.35 8.60
CA ASP A 101 -3.28 -6.08 7.87
C ASP A 101 -3.43 -5.10 6.76
N ARG A 102 -4.56 -5.15 6.07
CA ARG A 102 -4.84 -4.20 4.99
C ARG A 102 -5.00 -2.80 5.59
N PHE A 103 -5.79 -2.68 6.67
CA PHE A 103 -6.04 -1.41 7.33
C PHE A 103 -4.75 -0.79 7.88
N TRP A 104 -3.86 -1.62 8.47
CA TRP A 104 -2.62 -1.10 9.05
C TRP A 104 -1.66 -0.61 8.00
N LEU A 105 -1.52 -1.37 6.87
CA LEU A 105 -0.61 -0.92 5.82
C LEU A 105 -1.16 0.39 5.19
N GLU A 106 -2.47 0.47 5.00
CA GLU A 106 -3.10 1.69 4.48
C GLU A 106 -2.93 2.87 5.43
N THR A 107 -2.89 2.61 6.74
CA THR A 107 -2.64 3.61 7.77
C THR A 107 -1.18 4.11 7.69
N LEU A 108 -0.20 3.18 7.56
CA LEU A 108 1.23 3.49 7.45
C LEU A 108 1.49 4.36 6.23
N LEU A 109 0.87 3.99 5.09
CA LEU A 109 1.03 4.74 3.82
C LEU A 109 0.39 6.12 3.88
N CYS A 110 -0.73 6.24 4.60
CA CYS A 110 -1.43 7.49 4.88
C CYS A 110 -0.47 8.45 5.60
N LEU A 111 0.24 7.95 6.63
CA LEU A 111 1.20 8.71 7.45
C LEU A 111 2.40 9.17 6.65
N ILE A 112 3.16 8.22 6.09
CA ILE A 112 4.42 8.52 5.42
C ILE A 112 4.22 9.25 4.09
N GLY A 113 3.04 9.09 3.47
CA GLY A 113 2.69 9.78 2.24
C GLY A 113 2.10 11.18 2.49
N GLU A 114 1.96 11.60 3.76
CA GLU A 114 1.46 12.93 4.11
C GLU A 114 0.08 13.19 3.48
N SER A 115 -0.85 12.25 3.64
CA SER A 115 -2.15 12.32 3.00
C SER A 115 -3.07 13.41 3.54
N PHE A 116 -2.73 14.02 4.68
CA PHE A 116 -3.59 15.01 5.30
C PHE A 116 -3.27 16.47 4.90
N ASP A 117 -2.44 16.63 3.84
CA ASP A 117 -2.08 17.89 3.23
C ASP A 117 -1.71 19.00 4.27
N ASP A 118 -2.43 20.13 4.35
CA ASP A 118 -2.11 21.23 5.26
C ASP A 118 -2.28 20.89 6.73
N TYR A 119 -2.93 19.78 7.07
CA TYR A 119 -3.07 19.38 8.46
C TYR A 119 -2.09 18.26 8.86
N SER A 120 -1.04 18.04 8.04
CA SER A 120 0.02 17.07 8.24
C SER A 120 0.76 17.29 9.54
N ASP A 121 0.99 18.56 9.90
CA ASP A 121 1.70 18.87 11.13
C ASP A 121 0.91 18.50 12.38
N ASP A 122 -0.43 18.37 12.30
CA ASP A 122 -1.23 17.96 13.44
C ASP A 122 -1.11 16.47 13.72
N VAL A 123 -0.66 15.67 12.76
CA VAL A 123 -0.51 14.23 12.89
C VAL A 123 0.74 13.86 13.67
N CYS A 124 0.61 12.93 14.62
CA CYS A 124 1.74 12.48 15.44
C CYS A 124 2.16 11.07 15.05
N GLY A 125 1.18 10.21 14.81
CA GLY A 125 1.45 8.83 14.42
C GLY A 125 0.22 7.97 14.50
N ALA A 126 0.43 6.64 14.47
CA ALA A 126 -0.65 5.68 14.51
C ALA A 126 -0.28 4.48 15.37
N VAL A 127 -1.27 3.77 15.90
CA VAL A 127 -1.03 2.61 16.76
C VAL A 127 -2.00 1.49 16.38
N VAL A 128 -1.52 0.26 16.42
CA VAL A 128 -2.39 -0.87 16.20
C VAL A 128 -2.26 -1.75 17.45
N ASN A 129 -3.38 -2.06 18.08
CA ASN A 129 -3.46 -2.91 19.26
C ASN A 129 -4.03 -4.25 18.82
N VAL A 130 -3.28 -5.33 19.06
CA VAL A 130 -3.73 -6.67 18.71
C VAL A 130 -4.23 -7.27 20.01
N ARG A 131 -5.55 -7.58 20.07
CA ARG A 131 -6.23 -8.05 21.29
C ARG A 131 -7.21 -9.16 20.95
N ALA A 132 -7.34 -10.13 21.85
CA ALA A 132 -8.24 -11.27 21.71
C ALA A 132 -9.71 -10.83 21.65
N LYS A 133 -10.06 -9.78 22.42
CA LYS A 133 -11.41 -9.18 22.46
C LYS A 133 -11.77 -8.40 21.19
N GLY A 134 -10.77 -7.92 20.48
CA GLY A 134 -10.99 -7.13 19.28
C GLY A 134 -9.85 -6.19 19.01
N ASP A 135 -9.36 -6.16 17.78
CA ASP A 135 -8.25 -5.31 17.39
C ASP A 135 -8.66 -3.83 17.26
N LYS A 136 -7.69 -2.92 17.42
CA LYS A 136 -7.94 -1.48 17.31
C LYS A 136 -6.82 -0.80 16.53
N ILE A 137 -7.18 0.19 15.71
CA ILE A 137 -6.21 1.02 14.98
C ILE A 137 -6.58 2.48 15.26
N ALA A 138 -5.59 3.33 15.49
CA ALA A 138 -5.85 4.72 15.79
C ALA A 138 -4.84 5.64 15.18
N ILE A 139 -5.27 6.86 14.78
CA ILE A 139 -4.35 7.87 14.33
C ILE A 139 -4.35 8.92 15.44
N TRP A 140 -3.16 9.25 15.94
CA TRP A 140 -2.93 10.20 17.03
C TRP A 140 -2.62 11.59 16.49
N THR A 141 -3.33 12.62 17.03
CA THR A 141 -3.11 14.01 16.62
C THR A 141 -2.69 14.85 17.84
N THR A 142 -2.04 15.98 17.59
CA THR A 142 -1.40 16.79 18.61
C THR A 142 -2.30 17.72 19.44
N GLU A 143 -3.47 18.14 18.93
CA GLU A 143 -4.30 19.11 19.64
C GLU A 143 -5.80 18.83 19.47
N CYS A 144 -6.46 18.36 20.53
CA CYS A 144 -7.89 18.03 20.45
C CYS A 144 -8.79 19.26 20.31
N GLU A 145 -8.29 20.49 20.52
CA GLU A 145 -9.11 21.69 20.31
C GLU A 145 -9.04 22.24 18.88
N ASN A 146 -8.14 21.71 18.02
CA ASN A 146 -8.07 22.15 16.63
C ASN A 146 -9.12 21.34 15.83
N ARG A 147 -10.42 21.71 15.99
CA ARG A 147 -11.56 20.99 15.37
C ARG A 147 -11.46 20.81 13.86
N GLU A 148 -10.99 21.84 13.14
CA GLU A 148 -10.90 21.76 11.68
C GLU A 148 -9.84 20.73 11.27
N ALA A 149 -8.68 20.70 11.94
CA ALA A 149 -7.64 19.72 11.63
C ALA A 149 -8.09 18.30 11.98
N VAL A 150 -8.62 18.09 13.20
CA VAL A 150 -9.08 16.78 13.66
C VAL A 150 -10.15 16.17 12.72
N THR A 151 -11.19 16.95 12.35
CA THR A 151 -12.26 16.42 11.52
C THR A 151 -11.78 16.18 10.09
N HIS A 152 -10.85 17.02 9.58
CA HIS A 152 -10.31 16.78 8.23
C HIS A 152 -9.53 15.45 8.24
N ILE A 153 -8.70 15.25 9.26
CA ILE A 153 -7.91 14.03 9.43
C ILE A 153 -8.83 12.81 9.49
N GLY A 154 -9.85 12.90 10.34
CA GLY A 154 -10.82 11.82 10.51
C GLY A 154 -11.54 11.46 9.23
N ARG A 155 -12.02 12.45 8.49
CA ARG A 155 -12.75 12.24 7.24
C ARG A 155 -11.90 11.61 6.13
N VAL A 156 -10.67 12.10 5.92
CA VAL A 156 -9.75 11.56 4.91
C VAL A 156 -9.37 10.10 5.32
N TYR A 157 -9.08 9.89 6.60
CA TYR A 157 -8.69 8.58 7.11
C TYR A 157 -9.83 7.55 6.99
N LYS A 158 -11.05 7.92 7.39
CA LYS A 158 -12.18 7.00 7.28
C LYS A 158 -12.45 6.59 5.80
N GLU A 159 -12.38 7.56 4.87
CA GLU A 159 -12.59 7.33 3.45
C GLU A 159 -11.46 6.45 2.86
N ARG A 160 -10.23 6.69 3.30
CA ARG A 160 -9.07 5.94 2.84
C ARG A 160 -9.20 4.44 3.15
N LEU A 161 -9.63 4.11 4.36
CA LEU A 161 -9.80 2.73 4.77
C LEU A 161 -11.02 2.03 4.14
N GLY A 162 -11.92 2.80 3.53
CA GLY A 162 -13.10 2.27 2.87
C GLY A 162 -14.19 1.83 3.82
N LEU A 163 -14.22 2.41 5.03
CA LEU A 163 -15.19 2.08 6.08
C LEU A 163 -16.60 2.48 5.65
N PRO A 164 -17.64 1.71 6.05
CA PRO A 164 -19.01 2.07 5.65
C PRO A 164 -19.40 3.42 6.25
N PRO A 165 -19.93 4.34 5.43
CA PRO A 165 -20.25 5.68 5.94
C PRO A 165 -21.26 5.76 7.07
N LYS A 166 -22.13 4.76 7.21
CA LYS A 166 -23.17 4.76 8.25
C LYS A 166 -22.66 4.55 9.68
N ILE A 167 -21.64 3.69 9.88
CA ILE A 167 -21.11 3.48 11.23
C ILE A 167 -20.07 4.56 11.50
N VAL A 168 -20.18 5.25 12.63
CA VAL A 168 -19.26 6.32 12.97
C VAL A 168 -18.03 5.82 13.71
N ILE A 169 -16.94 6.60 13.61
CA ILE A 169 -15.72 6.39 14.37
C ILE A 169 -15.62 7.63 15.30
N GLY A 170 -15.11 7.45 16.51
CA GLY A 170 -14.99 8.54 17.45
C GLY A 170 -13.57 9.06 17.64
N TYR A 171 -13.45 10.31 18.06
CA TYR A 171 -12.18 10.92 18.38
C TYR A 171 -12.21 11.16 19.85
N GLN A 172 -11.28 10.53 20.59
CA GLN A 172 -11.18 10.68 22.02
C GLN A 172 -9.94 11.50 22.37
N SER A 173 -10.08 12.45 23.29
CA SER A 173 -8.95 13.23 23.81
C SER A 173 -8.13 12.27 24.69
N HIS A 174 -6.80 12.42 24.72
CA HIS A 174 -5.97 11.58 25.58
C HIS A 174 -6.22 11.89 27.05
N ALA A 175 -6.55 13.16 27.40
CA ALA A 175 -6.88 13.58 28.75
C ALA A 175 -8.14 12.85 29.25
N ASP A 176 -9.10 12.56 28.34
CA ASP A 176 -10.30 11.83 28.71
C ASP A 176 -10.02 10.35 28.82
N THR A 177 -9.21 9.78 27.91
CA THR A 177 -8.87 8.36 28.00
C THR A 177 -8.10 8.06 29.29
N ALA A 178 -7.14 8.94 29.64
CA ALA A 178 -6.33 8.80 30.87
C ALA A 178 -7.13 8.90 32.17
N THR A 179 -8.36 9.44 32.13
CA THR A 179 -9.20 9.61 33.32
C THR A 179 -10.53 8.86 33.23
N LYS A 180 -10.64 7.89 32.32
CA LYS A 180 -11.88 7.15 32.09
C LYS A 180 -12.36 6.40 33.33
N SER A 181 -13.65 6.50 33.60
CA SER A 181 -14.26 5.83 34.75
C SER A 181 -15.02 4.56 34.32
N LYS A 186 -15.64 8.32 26.16
CA LYS A 186 -16.24 9.60 25.80
C LYS A 186 -15.53 10.22 24.59
N ASN A 187 -16.28 10.54 23.55
CA ASN A 187 -15.75 11.09 22.31
C ASN A 187 -16.01 12.60 22.16
N ARG A 188 -14.99 13.39 21.78
CA ARG A 188 -15.12 14.81 21.50
C ARG A 188 -15.79 15.02 20.14
N PHE A 189 -15.43 14.19 19.14
CA PHE A 189 -15.99 14.28 17.80
C PHE A 189 -16.31 12.88 17.22
N VAL A 190 -17.16 12.82 16.20
CA VAL A 190 -17.50 11.62 15.44
C VAL A 190 -17.40 11.94 13.93
N VAL A 191 -17.18 10.92 13.07
CA VAL A 191 -17.15 11.13 11.61
C VAL A 191 -17.67 9.85 10.89
N ALA B 3 -22.32 17.01 -9.16
CA ALA B 3 -23.72 17.16 -8.77
C ALA B 3 -23.88 17.26 -7.25
N ASN B 4 -23.00 16.61 -6.49
CA ASN B 4 -23.05 16.67 -5.02
C ASN B 4 -21.88 17.52 -4.54
N PRO B 5 -22.10 18.45 -3.59
CA PRO B 5 -20.95 19.25 -3.08
C PRO B 5 -19.83 18.36 -2.53
N GLU B 6 -18.59 18.68 -2.88
CA GLU B 6 -17.44 17.91 -2.43
C GLU B 6 -16.82 18.53 -1.19
N HIS B 7 -16.32 17.70 -0.29
CA HIS B 7 -15.65 18.21 0.90
C HIS B 7 -14.24 18.65 0.54
N TYR B 8 -13.47 17.79 -0.18
CA TYR B 8 -12.06 18.06 -0.53
C TYR B 8 -11.78 17.66 -1.97
N ILE B 9 -10.75 18.26 -2.56
CA ILE B 9 -10.30 17.98 -3.92
C ILE B 9 -9.53 16.63 -3.90
N LYS B 10 -9.75 15.79 -4.91
CA LYS B 10 -9.02 14.52 -5.00
C LYS B 10 -7.59 14.77 -5.52
N HIS B 11 -6.65 13.90 -5.16
CA HIS B 11 -5.24 14.00 -5.50
C HIS B 11 -4.97 13.23 -6.79
N PRO B 12 -4.55 13.92 -7.85
CA PRO B 12 -4.31 13.23 -9.12
C PRO B 12 -3.09 12.33 -9.17
N LEU B 13 -3.21 11.28 -9.95
CA LEU B 13 -2.11 10.34 -10.24
C LEU B 13 -1.43 10.89 -11.50
N GLN B 14 -0.18 10.47 -11.75
CA GLN B 14 0.53 10.89 -12.96
C GLN B 14 -0.18 10.31 -14.21
N ASN B 15 -0.78 9.10 -14.09
CA ASN B 15 -1.46 8.50 -15.23
C ASN B 15 -2.89 8.07 -14.91
N ARG B 16 -3.69 7.86 -15.96
CA ARG B 16 -5.03 7.30 -15.81
C ARG B 16 -4.83 5.79 -16.02
N TRP B 17 -5.49 4.99 -15.19
CA TRP B 17 -5.33 3.55 -15.21
C TRP B 17 -6.67 2.84 -15.44
N ALA B 18 -6.63 1.63 -15.98
CA ALA B 18 -7.85 0.85 -16.16
C ALA B 18 -7.67 -0.53 -15.56
N LEU B 19 -8.65 -1.00 -14.79
CA LEU B 19 -8.63 -2.35 -14.25
C LEU B 19 -9.37 -3.27 -15.22
N TRP B 20 -8.74 -4.39 -15.60
CA TRP B 20 -9.29 -5.41 -16.48
C TRP B 20 -9.34 -6.79 -15.79
N PHE B 21 -10.33 -7.63 -16.16
CA PHE B 21 -10.49 -9.01 -15.68
C PHE B 21 -10.45 -9.97 -16.87
N PHE B 22 -10.02 -11.19 -16.64
CA PHE B 22 -10.03 -12.23 -17.67
C PHE B 22 -10.87 -13.38 -17.13
N LYS B 23 -11.96 -13.71 -17.84
CA LYS B 23 -12.94 -14.72 -17.45
C LYS B 23 -12.55 -16.13 -17.90
N ASN B 24 -12.98 -17.16 -17.18
CA ASN B 24 -12.74 -18.55 -17.56
C ASN B 24 -13.96 -19.01 -18.35
N ASP B 25 -13.92 -18.89 -19.68
CA ASP B 25 -15.05 -19.34 -20.50
C ASP B 25 -14.50 -20.07 -21.73
N LYS B 26 -14.58 -21.41 -21.71
CA LYS B 26 -14.03 -22.24 -22.77
C LYS B 26 -14.77 -22.14 -24.09
N SER B 27 -16.06 -21.75 -24.07
CA SER B 27 -16.82 -21.58 -25.32
C SER B 27 -16.48 -20.27 -26.07
N LYS B 28 -15.45 -19.53 -25.62
CA LYS B 28 -15.05 -18.28 -26.24
C LYS B 28 -13.56 -18.25 -26.59
N THR B 29 -13.19 -17.46 -27.60
CA THR B 29 -11.80 -17.26 -27.99
C THR B 29 -11.10 -16.38 -26.91
N TRP B 30 -9.75 -16.37 -26.86
CA TRP B 30 -9.02 -15.64 -25.79
C TRP B 30 -9.49 -14.18 -25.58
N GLN B 31 -9.43 -13.29 -26.60
CA GLN B 31 -9.81 -11.87 -26.44
C GLN B 31 -11.22 -11.65 -25.93
N ALA B 32 -12.15 -12.52 -26.36
CA ALA B 32 -13.55 -12.46 -25.95
C ALA B 32 -13.77 -12.64 -24.43
N ASN B 33 -12.73 -13.03 -23.67
CA ASN B 33 -12.86 -13.20 -22.22
C ASN B 33 -12.34 -12.00 -21.41
N LEU B 34 -11.78 -10.97 -22.09
CA LEU B 34 -11.27 -9.76 -21.43
C LEU B 34 -12.44 -8.84 -21.13
N ARG B 35 -12.40 -8.21 -19.97
CA ARG B 35 -13.47 -7.33 -19.50
C ARG B 35 -12.82 -6.10 -18.87
N LEU B 36 -13.21 -4.91 -19.31
CA LEU B 36 -12.71 -3.66 -18.75
C LEU B 36 -13.68 -3.28 -17.65
N ILE B 37 -13.24 -3.28 -16.41
CA ILE B 37 -14.07 -3.01 -15.24
C ILE B 37 -14.30 -1.50 -14.99
N SER B 38 -13.21 -0.74 -14.81
CA SER B 38 -13.33 0.69 -14.58
C SER B 38 -11.99 1.39 -14.73
N LYS B 39 -12.03 2.71 -14.83
CA LYS B 39 -10.85 3.54 -14.91
C LYS B 39 -10.79 4.49 -13.71
N PHE B 40 -9.61 5.06 -13.42
CA PHE B 40 -9.41 6.00 -12.31
C PHE B 40 -8.11 6.77 -12.57
N ASP B 41 -8.03 7.99 -12.04
CA ASP B 41 -6.84 8.82 -12.18
C ASP B 41 -6.51 9.64 -10.92
N THR B 42 -7.02 9.20 -9.76
CA THR B 42 -6.70 9.83 -8.50
C THR B 42 -6.34 8.74 -7.46
N VAL B 43 -5.64 9.13 -6.40
CA VAL B 43 -5.27 8.27 -5.29
C VAL B 43 -6.56 7.75 -4.60
N GLU B 44 -7.53 8.64 -4.32
CA GLU B 44 -8.78 8.26 -3.64
C GLU B 44 -9.58 7.23 -4.46
N ASP B 45 -9.62 7.37 -5.78
CA ASP B 45 -10.35 6.41 -6.62
C ASP B 45 -9.59 5.09 -6.72
N PHE B 46 -8.25 5.11 -6.61
CA PHE B 46 -7.48 3.86 -6.57
C PHE B 46 -7.84 3.10 -5.30
N TRP B 47 -7.76 3.78 -4.14
CA TRP B 47 -8.01 3.10 -2.87
C TRP B 47 -9.43 2.63 -2.75
N ALA B 48 -10.40 3.39 -3.31
CA ALA B 48 -11.80 2.96 -3.24
C ALA B 48 -12.03 1.69 -4.04
N LEU B 49 -11.40 1.57 -5.20
CA LEU B 49 -11.51 0.36 -6.04
C LEU B 49 -10.75 -0.82 -5.39
N TYR B 50 -9.50 -0.60 -4.93
CA TYR B 50 -8.71 -1.63 -4.24
C TYR B 50 -9.45 -2.18 -3.04
N ASN B 51 -9.94 -1.32 -2.14
CA ASN B 51 -10.69 -1.78 -0.97
C ASN B 51 -11.98 -2.51 -1.32
N HIS B 52 -12.68 -2.06 -2.35
CA HIS B 52 -13.92 -2.70 -2.77
C HIS B 52 -13.63 -4.10 -3.32
N ILE B 53 -12.64 -4.24 -4.18
CA ILE B 53 -12.28 -5.54 -4.77
C ILE B 53 -11.83 -6.55 -3.71
N GLN B 54 -11.07 -6.07 -2.69
CA GLN B 54 -10.58 -6.91 -1.59
C GLN B 54 -11.70 -7.50 -0.76
N LEU B 55 -12.84 -6.80 -0.67
CA LEU B 55 -13.99 -7.29 0.08
C LEU B 55 -15.11 -7.86 -0.81
N SER B 56 -14.83 -8.14 -2.09
CA SER B 56 -15.81 -8.69 -3.03
C SER B 56 -15.25 -9.93 -3.73
N CYS B 63 -10.82 -15.85 -11.59
CA CYS B 63 -10.55 -14.92 -12.68
C CYS B 63 -9.23 -14.19 -12.51
N ASP B 64 -8.54 -13.88 -13.60
CA ASP B 64 -7.28 -13.14 -13.55
C ASP B 64 -7.53 -11.62 -13.64
N TYR B 65 -6.64 -10.77 -13.05
CA TYR B 65 -6.75 -9.31 -12.99
C TYR B 65 -5.54 -8.61 -13.67
N SER B 66 -5.73 -7.36 -14.12
CA SER B 66 -4.75 -6.53 -14.82
C SER B 66 -4.96 -5.07 -14.48
N LEU B 67 -3.87 -4.31 -14.36
CA LEU B 67 -3.97 -2.87 -14.21
C LEU B 67 -3.10 -2.28 -15.30
N PHE B 68 -3.68 -1.62 -16.31
CA PHE B 68 -2.85 -1.06 -17.41
C PHE B 68 -3.12 0.40 -17.58
N LYS B 69 -2.18 1.14 -18.16
CA LYS B 69 -2.38 2.55 -18.43
C LYS B 69 -3.53 2.72 -19.43
N ASP B 70 -4.24 3.82 -19.30
CA ASP B 70 -5.36 4.16 -20.18
C ASP B 70 -4.96 4.11 -21.67
N GLY B 71 -5.75 3.42 -22.48
CA GLY B 71 -5.44 3.29 -23.90
C GLY B 71 -4.61 2.06 -24.26
N ILE B 72 -4.18 1.30 -23.27
CA ILE B 72 -3.39 0.09 -23.51
C ILE B 72 -4.20 -1.08 -23.04
N GLU B 73 -4.59 -1.97 -23.95
CA GLU B 73 -5.32 -3.17 -23.63
C GLU B 73 -4.31 -4.20 -23.08
N PRO B 74 -4.70 -5.04 -22.09
CA PRO B 74 -3.76 -5.99 -21.48
C PRO B 74 -3.50 -7.24 -22.33
N MET B 75 -2.89 -7.05 -23.49
CA MET B 75 -2.63 -8.15 -24.40
C MET B 75 -1.45 -7.85 -25.33
N TRP B 76 -0.70 -8.89 -25.69
CA TRP B 76 0.46 -8.79 -26.59
C TRP B 76 0.14 -8.08 -27.91
N GLU B 77 -1.10 -8.20 -28.35
CA GLU B 77 -1.61 -7.63 -29.59
C GLU B 77 -1.64 -6.13 -29.62
N ASP B 78 -1.71 -5.49 -28.46
CA ASP B 78 -1.72 -4.05 -28.39
C ASP B 78 -0.39 -3.49 -28.89
N GLU B 79 -0.43 -2.37 -29.62
CA GLU B 79 0.75 -1.68 -30.16
C GLU B 79 1.80 -1.36 -29.09
N LYS B 80 1.35 -1.02 -27.86
CA LYS B 80 2.28 -0.67 -26.79
C LYS B 80 2.90 -1.87 -26.07
N ASN B 81 2.40 -3.07 -26.33
CA ASN B 81 2.92 -4.29 -25.73
C ASN B 81 3.59 -5.19 -26.77
N LYS B 82 3.26 -5.06 -28.05
CA LYS B 82 3.74 -5.96 -29.10
C LYS B 82 5.27 -6.14 -29.15
N ARG B 83 6.05 -5.08 -28.91
CA ARG B 83 7.51 -5.21 -28.92
C ARG B 83 8.10 -5.35 -27.50
N GLY B 84 7.23 -5.51 -26.49
CA GLY B 84 7.64 -5.57 -25.10
C GLY B 84 7.77 -6.95 -24.52
N GLY B 85 7.66 -6.99 -23.21
CA GLY B 85 7.82 -8.21 -22.44
C GLY B 85 7.45 -7.98 -21.00
N ARG B 86 7.79 -8.92 -20.13
CA ARG B 86 7.40 -8.82 -18.73
C ARG B 86 8.40 -9.39 -17.77
N TRP B 87 8.47 -8.78 -16.58
CA TRP B 87 9.26 -9.28 -15.48
C TRP B 87 8.29 -10.22 -14.79
N LEU B 88 8.65 -11.48 -14.57
CA LEU B 88 7.71 -12.43 -14.00
C LEU B 88 8.14 -12.95 -12.64
N ILE B 89 7.19 -13.00 -11.72
CA ILE B 89 7.41 -13.53 -10.39
C ILE B 89 6.48 -14.73 -10.23
N THR B 90 7.03 -15.86 -9.82
CA THR B 90 6.26 -17.06 -9.62
C THR B 90 6.22 -17.35 -8.11
N LEU B 91 5.02 -17.55 -7.56
CA LEU B 91 4.82 -17.85 -6.14
C LEU B 91 4.65 -19.38 -5.94
N ASN B 92 4.78 -19.88 -4.69
CA ASN B 92 4.55 -21.31 -4.42
C ASN B 92 3.10 -21.58 -3.98
N LYS B 93 2.59 -22.80 -4.21
CA LYS B 93 1.22 -23.14 -3.81
C LYS B 93 1.10 -23.34 -2.30
N ASP B 99 1.31 -13.78 1.04
CA ASP B 99 2.28 -13.27 0.07
C ASP B 99 1.66 -12.68 -1.19
N LEU B 100 0.67 -13.37 -1.79
CA LEU B 100 0.02 -12.86 -3.00
C LEU B 100 -0.58 -11.47 -2.81
N ASP B 101 -1.33 -11.25 -1.71
CA ASP B 101 -1.96 -9.95 -1.44
C ASP B 101 -0.91 -8.84 -1.31
N ARG B 102 0.14 -9.07 -0.52
CA ARG B 102 1.21 -8.10 -0.32
C ARG B 102 1.90 -7.78 -1.67
N PHE B 103 2.34 -8.81 -2.40
CA PHE B 103 3.03 -8.62 -3.67
C PHE B 103 2.18 -7.88 -4.70
N TRP B 104 0.88 -8.18 -4.76
CA TRP B 104 -0.01 -7.51 -5.70
C TRP B 104 -0.21 -6.03 -5.35
N LEU B 105 -0.49 -5.73 -4.08
CA LEU B 105 -0.60 -4.33 -3.66
C LEU B 105 0.72 -3.57 -3.90
N GLU B 106 1.85 -4.18 -3.59
CA GLU B 106 3.16 -3.56 -3.80
C GLU B 106 3.42 -3.29 -5.29
N THR B 107 2.96 -4.19 -6.16
CA THR B 107 3.07 -4.02 -7.58
C THR B 107 2.20 -2.86 -8.04
N LEU B 108 0.92 -2.81 -7.60
CA LEU B 108 0.00 -1.73 -7.98
C LEU B 108 0.56 -0.36 -7.56
N LEU B 109 1.15 -0.29 -6.35
CA LEU B 109 1.78 0.94 -5.84
C LEU B 109 2.99 1.37 -6.68
N CYS B 110 3.80 0.43 -7.21
CA CYS B 110 4.93 0.76 -8.13
C CYS B 110 4.39 1.41 -9.40
N LEU B 111 3.26 0.91 -9.88
CA LEU B 111 2.65 1.42 -11.08
C LEU B 111 2.06 2.80 -10.82
N ILE B 112 1.07 2.94 -9.94
CA ILE B 112 0.40 4.23 -9.75
C ILE B 112 1.33 5.28 -9.13
N GLY B 113 2.33 4.84 -8.36
CA GLY B 113 3.29 5.75 -7.76
C GLY B 113 4.47 6.07 -8.66
N GLU B 114 4.55 5.49 -9.88
CA GLU B 114 5.66 5.73 -10.80
C GLU B 114 7.01 5.51 -10.10
N SER B 115 7.13 4.36 -9.38
CA SER B 115 8.30 4.04 -8.55
C SER B 115 9.62 3.85 -9.31
N PHE B 116 9.57 3.72 -10.63
CA PHE B 116 10.80 3.52 -11.42
C PHE B 116 11.33 4.82 -12.05
N ASP B 117 10.94 5.98 -11.48
CA ASP B 117 11.33 7.32 -11.90
C ASP B 117 11.02 7.52 -13.41
N ASP B 118 11.93 8.08 -14.24
CA ASP B 118 11.65 8.26 -15.66
C ASP B 118 11.47 6.94 -16.40
N TYR B 119 12.00 5.81 -15.88
CA TYR B 119 11.79 4.49 -16.50
C TYR B 119 10.35 3.98 -16.34
N SER B 120 9.55 4.60 -15.45
CA SER B 120 8.15 4.28 -15.32
C SER B 120 7.38 4.60 -16.63
N ASP B 121 7.95 5.45 -17.54
CA ASP B 121 7.30 5.71 -18.83
C ASP B 121 7.27 4.41 -19.70
N ASP B 122 8.22 3.46 -19.47
CA ASP B 122 8.25 2.17 -20.17
C ASP B 122 7.22 1.16 -19.65
N VAL B 123 6.68 1.36 -18.43
CA VAL B 123 5.73 0.43 -17.84
C VAL B 123 4.36 0.54 -18.53
N CYS B 124 3.80 -0.60 -18.94
CA CYS B 124 2.47 -0.66 -19.55
C CYS B 124 1.40 -1.02 -18.55
N GLY B 125 1.72 -1.99 -17.70
CA GLY B 125 0.79 -2.44 -16.68
C GLY B 125 1.31 -3.65 -15.94
N ALA B 126 0.42 -4.32 -15.21
CA ALA B 126 0.81 -5.49 -14.45
C ALA B 126 -0.33 -6.51 -14.49
N VAL B 127 0.00 -7.80 -14.45
CA VAL B 127 -1.00 -8.86 -14.53
C VAL B 127 -0.82 -9.84 -13.39
N VAL B 128 -1.92 -10.31 -12.79
CA VAL B 128 -1.84 -11.36 -11.78
C VAL B 128 -2.61 -12.56 -12.34
N ASN B 129 -1.97 -13.74 -12.36
CA ASN B 129 -2.58 -14.97 -12.84
C ASN B 129 -2.82 -15.88 -11.67
N VAL B 130 -4.09 -16.15 -11.38
CA VAL B 130 -4.48 -17.04 -10.30
C VAL B 130 -4.58 -18.44 -10.90
N ARG B 131 -3.69 -19.34 -10.47
CA ARG B 131 -3.71 -20.72 -10.96
C ARG B 131 -3.76 -21.65 -9.76
N ALA B 132 -4.49 -22.77 -9.88
CA ALA B 132 -4.52 -23.75 -8.80
C ALA B 132 -3.13 -24.35 -8.57
N LYS B 133 -2.27 -24.37 -9.61
CA LYS B 133 -0.92 -24.92 -9.54
C LYS B 133 0.19 -23.93 -9.17
N GLY B 134 -0.14 -22.63 -9.06
CA GLY B 134 0.85 -21.61 -8.70
C GLY B 134 0.51 -20.23 -9.24
N ASP B 135 0.51 -19.20 -8.39
CA ASP B 135 0.14 -17.85 -8.82
C ASP B 135 1.32 -17.09 -9.43
N LYS B 136 1.02 -16.18 -10.37
CA LYS B 136 2.06 -15.41 -11.05
C LYS B 136 1.73 -13.92 -11.05
N ILE B 137 2.75 -13.08 -10.93
CA ILE B 137 2.56 -11.64 -11.01
C ILE B 137 3.63 -11.14 -11.98
N ALA B 138 3.25 -10.24 -12.88
CA ALA B 138 4.19 -9.74 -13.86
C ALA B 138 4.02 -8.26 -14.10
N ILE B 139 5.12 -7.56 -14.37
CA ILE B 139 5.06 -6.17 -14.76
C ILE B 139 5.39 -6.17 -16.25
N TRP B 140 4.54 -5.55 -17.05
CA TRP B 140 4.71 -5.49 -18.50
C TRP B 140 5.33 -4.19 -18.89
N THR B 141 6.33 -4.23 -19.79
CA THR B 141 7.00 -3.03 -20.29
C THR B 141 6.86 -2.95 -21.82
N THR B 142 7.08 -1.76 -22.39
CA THR B 142 6.77 -1.53 -23.79
C THR B 142 7.80 -1.98 -24.82
N GLU B 143 9.09 -2.04 -24.44
CA GLU B 143 10.13 -2.36 -25.43
C GLU B 143 11.20 -3.30 -24.86
N CYS B 144 11.22 -4.55 -25.31
CA CYS B 144 12.16 -5.55 -24.80
C CYS B 144 13.63 -5.21 -25.15
N GLU B 145 13.86 -4.35 -26.14
CA GLU B 145 15.22 -3.91 -26.49
C GLU B 145 15.74 -2.75 -25.64
N ASN B 146 14.89 -2.15 -24.77
CA ASN B 146 15.36 -1.06 -23.92
C ASN B 146 16.03 -1.67 -22.67
N ARG B 147 17.21 -2.27 -22.85
CA ARG B 147 17.93 -2.96 -21.75
C ARG B 147 18.11 -2.12 -20.47
N GLU B 148 18.52 -0.85 -20.58
CA GLU B 148 18.71 0.00 -19.41
C GLU B 148 17.42 0.22 -18.61
N ALA B 149 16.30 0.56 -19.29
CA ALA B 149 15.02 0.75 -18.61
C ALA B 149 14.54 -0.56 -18.00
N VAL B 150 14.53 -1.65 -18.79
CA VAL B 150 14.06 -2.96 -18.36
C VAL B 150 14.83 -3.45 -17.12
N THR B 151 16.17 -3.36 -17.13
CA THR B 151 16.97 -3.85 -16.00
C THR B 151 16.78 -3.00 -14.74
N HIS B 152 16.57 -1.68 -14.90
CA HIS B 152 16.33 -0.82 -13.73
C HIS B 152 14.96 -1.15 -13.12
N ILE B 153 13.93 -1.34 -13.96
CA ILE B 153 12.59 -1.70 -13.50
C ILE B 153 12.67 -3.03 -12.70
N GLY B 154 13.32 -4.03 -13.28
CA GLY B 154 13.49 -5.32 -12.61
C GLY B 154 14.21 -5.26 -11.27
N ARG B 155 15.36 -4.55 -11.21
CA ARG B 155 16.16 -4.41 -9.98
C ARG B 155 15.35 -3.77 -8.85
N VAL B 156 14.68 -2.63 -9.14
CA VAL B 156 13.87 -1.90 -8.17
C VAL B 156 12.64 -2.73 -7.78
N TYR B 157 11.98 -3.38 -8.74
CA TYR B 157 10.81 -4.21 -8.46
C TYR B 157 11.16 -5.35 -7.49
N LYS B 158 12.25 -6.06 -7.76
CA LYS B 158 12.68 -7.18 -6.91
C LYS B 158 13.00 -6.68 -5.50
N GLU B 159 13.72 -5.57 -5.39
CA GLU B 159 14.09 -4.95 -4.11
C GLU B 159 12.83 -4.51 -3.34
N ARG B 160 11.88 -3.84 -4.01
CA ARG B 160 10.62 -3.29 -3.46
C ARG B 160 9.73 -4.41 -2.91
N LEU B 161 9.74 -5.57 -3.58
CA LEU B 161 8.95 -6.70 -3.10
C LEU B 161 9.69 -7.55 -2.02
N GLY B 162 10.95 -7.25 -1.73
CA GLY B 162 11.72 -7.96 -0.72
C GLY B 162 12.10 -9.39 -1.05
N LEU B 163 12.16 -9.73 -2.34
CA LEU B 163 12.43 -11.08 -2.83
C LEU B 163 13.82 -11.60 -2.45
N PRO B 164 14.00 -12.94 -2.32
CA PRO B 164 15.33 -13.47 -1.99
C PRO B 164 16.36 -13.07 -3.07
N PRO B 165 17.40 -12.37 -2.66
CA PRO B 165 18.36 -11.82 -3.65
C PRO B 165 19.10 -12.84 -4.51
N LYS B 166 19.39 -14.04 -3.98
CA LYS B 166 20.09 -15.06 -4.75
C LYS B 166 19.23 -15.67 -5.86
N ILE B 167 17.90 -15.69 -5.68
CA ILE B 167 17.00 -16.28 -6.66
C ILE B 167 16.59 -15.24 -7.70
N VAL B 168 16.89 -15.47 -8.98
CA VAL B 168 16.57 -14.48 -10.01
C VAL B 168 15.11 -14.43 -10.44
N ILE B 169 14.71 -13.27 -10.97
CA ILE B 169 13.45 -13.08 -11.66
C ILE B 169 13.86 -12.84 -13.14
N GLY B 170 13.07 -13.34 -14.07
CA GLY B 170 13.40 -13.23 -15.49
C GLY B 170 12.51 -12.28 -16.25
N TYR B 171 13.04 -11.68 -17.31
CA TYR B 171 12.26 -10.83 -18.17
C TYR B 171 12.10 -11.61 -19.46
N GLN B 172 10.87 -11.89 -19.87
CA GLN B 172 10.63 -12.60 -21.13
C GLN B 172 9.97 -11.67 -22.12
N SER B 173 10.43 -11.65 -23.37
CA SER B 173 9.76 -10.88 -24.43
C SER B 173 8.39 -11.55 -24.69
N HIS B 174 7.35 -10.75 -25.03
CA HIS B 174 6.05 -11.35 -25.37
C HIS B 174 6.16 -12.16 -26.69
N ALA B 175 7.06 -11.77 -27.62
CA ALA B 175 7.28 -12.49 -28.87
C ALA B 175 7.80 -13.90 -28.55
N ASP B 176 8.69 -14.04 -27.53
CA ASP B 176 9.18 -15.37 -27.16
C ASP B 176 8.10 -16.15 -26.41
N THR B 177 7.26 -15.45 -25.61
CA THR B 177 6.19 -16.14 -24.88
C THR B 177 5.17 -16.71 -25.87
N ALA B 178 4.80 -15.92 -26.89
CA ALA B 178 3.82 -16.28 -27.93
C ALA B 178 4.31 -17.35 -28.91
N THR B 179 5.63 -17.56 -29.05
CA THR B 179 6.18 -18.54 -29.99
C THR B 179 6.91 -19.69 -29.27
N LYS B 180 6.47 -20.00 -28.03
CA LYS B 180 6.97 -21.02 -27.10
C LYS B 180 7.01 -22.45 -27.68
N SER B 181 7.92 -23.30 -27.16
CA SER B 181 8.06 -24.70 -27.56
C SER B 181 8.25 -25.65 -26.35
N GLY B 182 7.92 -25.20 -25.14
CA GLY B 182 8.05 -26.02 -23.94
C GLY B 182 9.07 -25.47 -22.96
N THR B 185 11.20 -21.42 -22.26
CA THR B 185 11.09 -20.44 -21.16
C THR B 185 12.33 -19.53 -21.16
N LYS B 186 12.55 -18.76 -22.25
CA LYS B 186 13.75 -17.94 -22.42
C LYS B 186 13.67 -16.52 -21.87
N ASN B 187 14.58 -16.21 -20.95
CA ASN B 187 14.70 -14.91 -20.32
C ASN B 187 15.72 -14.08 -21.05
N ARG B 188 15.32 -12.88 -21.56
CA ARG B 188 16.21 -11.93 -22.22
C ARG B 188 17.18 -11.36 -21.18
N PHE B 189 16.68 -11.08 -19.95
CA PHE B 189 17.44 -10.52 -18.84
C PHE B 189 17.04 -11.19 -17.54
N VAL B 190 17.93 -11.16 -16.56
CA VAL B 190 17.65 -11.69 -15.23
C VAL B 190 18.14 -10.66 -14.19
N VAL B 191 17.51 -10.63 -13.01
CA VAL B 191 17.99 -9.79 -11.92
C VAL B 191 17.80 -10.47 -10.55
PA M7G C . -4.73 0.19 25.72
O1A M7G C . -3.65 -0.81 25.62
O2A M7G C . -4.66 1.35 24.72
O3A M7G C . -6.15 -0.52 25.54
O5' M7G C . -4.80 0.81 27.21
PB M7G C . -6.75 -1.96 25.90
O1B M7G C . -7.26 -2.65 24.67
O2B M7G C . -7.83 -1.67 26.95
O3B M7G C . -5.61 -2.70 26.58
C5' M7G C . -4.96 -0.01 28.38
C4' M7G C . -4.08 0.55 29.48
O4' M7G C . -2.74 0.75 28.96
C3' M7G C . -4.50 1.92 30.00
O3' M7G C . -5.54 1.82 30.96
C2' M7G C . -3.19 2.44 30.57
O2' M7G C . -2.92 1.88 31.86
C1' M7G C . -2.16 1.89 29.56
N9 M7G C . -1.80 2.94 28.62
C8 M7G C . -2.03 2.75 27.21
N7 M7G C . -1.62 4.01 26.67
CM7 M7G C . -1.63 4.20 25.23
C5 M7G C . -0.84 4.68 27.60
C6 M7G C . -0.02 5.84 27.52
O6 M7G C . 0.19 6.56 26.55
N1 M7G C . 0.62 6.08 28.71
C2 M7G C . 0.55 5.30 29.84
N2 M7G C . 1.30 5.66 30.88
N3 M7G C . -0.20 4.20 29.93
C4 M7G C . -0.88 3.94 28.80
C1 A1A8P D . -3.13 -13.74 -26.46
C2 A1A8P D . -2.09 -13.52 -23.99
C3 A1A8P D . -2.51 -14.69 -24.53
C4 A1A8P D . -2.50 -17.12 -23.73
C5 A1A8P D . -1.29 -17.82 -24.30
C6 A1A8P D . -1.18 -18.06 -25.66
C7 A1A8P D . -0.04 -18.61 -26.19
N1 A1A8P D . -3.69 -13.76 -27.67
N2 A1A8P D . -3.03 -14.88 -25.76
N3 A1A8P D . -2.29 -15.67 -23.60
N4 A1A8P D . -1.66 -13.80 -22.70
C8 A1A8P D . 1.03 -18.93 -25.37
CL A1A8P D . -6.61 -9.48 -17.46
C19 A1A8P D . -5.38 -10.56 -18.07
C18 A1A8P D . -4.59 -10.14 -19.13
C20 A1A8P D . -5.23 -11.81 -17.50
C21 A1A8P D . -4.29 -12.69 -18.02
C22 A1A8P D . -3.53 -12.27 -19.09
C17 A1A8P D . -3.64 -11.01 -19.67
C16 A1A8P D . -2.72 -11.01 -20.78
O4 A1A8P D . -2.61 -13.03 -19.79
C15 A1A8P D . -2.14 -12.22 -20.82
C14 A1A8P D . -1.11 -12.85 -21.72
C A1A8P D . -2.16 -12.30 -24.72
O A1A8P D . -1.81 -11.18 -24.39
C13 A1A8P D . -1.79 -15.11 -22.49
N A1A8P D . -2.71 -12.53 -25.98
C12 A1A8P D . -0.22 -18.16 -23.48
C9 A1A8P D . 0.95 -18.70 -24.00
C10 A1A8P D . 2.14 -18.94 -23.11
C11 A1A8P D . 1.84 -19.75 -21.86
P A1A8P D . 1.70 -18.82 -20.35
O3 A1A8P D . 0.44 -19.16 -19.62
O2 A1A8P D . 2.97 -19.15 -19.51
O1 A1A8P D . 1.77 -17.31 -20.69
#